data_6M24
#
_entry.id   6M24
#
_cell.length_a   49.578
_cell.length_b   76.218
_cell.length_c   155.081
_cell.angle_alpha   90.000
_cell.angle_beta   90.000
_cell.angle_gamma   90.000
#
_symmetry.space_group_name_H-M   'P 21 21 21'
#
loop_
_entity.id
_entity.type
_entity.pdbx_description
1 polymer 'RLA class I histocompatibility antigen, alpha chain 19-1'
2 polymer Beta-2-microglobulin
3 polymer VP60-2
4 water water
#
loop_
_entity_poly.entity_id
_entity_poly.type
_entity_poly.pdbx_seq_one_letter_code
_entity_poly.pdbx_strand_id
1 'polypeptide(L)'
;GSHSMRYFYTSVSRPGLGEPRFIIVGYVDDTQFVRFDSDAASPRMEQRAPWMGQVEPEYWDQQTQIAKDTAQTFRVNLNT
ALRYYNQSAAGSHTFQTMFGCEVWADGRFFHGYRQYAYDGADYIALNEDLRSWTAADTAAQNTQRKWEAAGEAERHRAYL
ERECVEWLRRYLEMGKETLQRADPPKAHVTHHPASDREATLRCWALGFYPAEISLTWQRDGEDQTQDTELVETRPGGDGT
FQKWAAVVVPSGEEQRYTCRVQHEGLPEPLTLTW
;
A
2 'polypeptide(L)'
;MIQRTPKIQVYSRHPAENGKSNFLNCYVSGFHPSDIEVDLLKNGERIEKVEHSDLSFSKDWSFYLLYYTEFTPTEKDEYA
CRVNHVTLSQPKIVKWDRDM
;
B
3 'polypeptide(L)' ALMPGQFFV C
#
# COMPACT_ATOMS: atom_id res chain seq x y z
N GLY A 1 7.21 -18.34 0.71
CA GLY A 1 7.04 -18.39 -0.74
C GLY A 1 8.14 -17.60 -1.44
N SER A 2 7.75 -16.81 -2.44
CA SER A 2 8.74 -15.96 -3.09
C SER A 2 8.92 -14.68 -2.27
N HIS A 3 9.88 -13.87 -2.69
CA HIS A 3 10.20 -12.62 -2.00
C HIS A 3 10.44 -11.52 -3.03
N SER A 4 10.24 -10.28 -2.57
CA SER A 4 10.40 -9.14 -3.48
C SER A 4 10.93 -7.94 -2.74
N MET A 5 11.69 -7.12 -3.46
CA MET A 5 11.98 -5.75 -3.04
C MET A 5 11.32 -4.84 -4.07
N ARG A 6 10.55 -3.86 -3.59
CA ARG A 6 9.84 -2.95 -4.46
C ARG A 6 10.00 -1.51 -3.99
N TYR A 7 10.20 -0.61 -4.95
CA TYR A 7 10.28 0.82 -4.68
C TYR A 7 9.15 1.55 -5.40
N PHE A 8 8.69 2.64 -4.80
CA PHE A 8 7.59 3.44 -5.34
C PHE A 8 7.95 4.90 -5.19
N TYR A 9 8.10 5.61 -6.31
CA TYR A 9 8.36 7.05 -6.30
C TYR A 9 7.08 7.80 -6.63
N THR A 10 6.83 8.91 -5.93
CA THR A 10 5.77 9.84 -6.30
C THR A 10 6.31 11.26 -6.34
N SER A 11 6.08 11.95 -7.46
CA SER A 11 6.43 13.35 -7.66
C SER A 11 5.16 14.13 -8.02
N VAL A 12 4.87 15.18 -7.26
CA VAL A 12 3.69 16.01 -7.44
C VAL A 12 4.12 17.47 -7.55
N SER A 13 3.79 18.12 -8.67
CA SER A 13 4.04 19.55 -8.83
C SER A 13 3.01 20.38 -8.06
N ARG A 14 3.41 21.60 -7.70
CA ARG A 14 2.52 22.56 -7.07
C ARG A 14 2.83 23.94 -7.62
N PRO A 15 2.28 24.26 -8.79
CA PRO A 15 2.42 25.60 -9.39
C PRO A 15 2.13 26.71 -8.40
N GLY A 16 2.99 27.73 -8.42
CA GLY A 16 2.80 28.87 -7.54
C GLY A 16 3.41 28.69 -6.17
N LEU A 17 3.46 27.45 -5.67
CA LEU A 17 3.89 27.14 -4.31
C LEU A 17 5.26 26.49 -4.24
N GLY A 18 6.18 26.87 -5.11
CA GLY A 18 7.52 26.30 -5.02
C GLY A 18 7.73 24.96 -5.73
N GLU A 19 8.67 24.17 -5.18
CA GLU A 19 9.20 22.97 -5.80
C GLU A 19 8.25 21.79 -5.62
N PRO A 20 8.29 20.82 -6.54
CA PRO A 20 7.47 19.60 -6.40
C PRO A 20 7.82 18.84 -5.13
N ARG A 21 6.84 18.12 -4.60
CA ARG A 21 7.09 17.17 -3.55
C ARG A 21 7.53 15.84 -4.16
N PHE A 22 8.37 15.11 -3.42
CA PHE A 22 8.92 13.88 -3.94
C PHE A 22 9.10 12.89 -2.79
N ILE A 23 8.51 11.69 -2.93
CA ILE A 23 8.47 10.69 -1.87
C ILE A 23 8.89 9.34 -2.44
N ILE A 24 9.79 8.66 -1.74
CA ILE A 24 10.16 7.28 -2.03
C ILE A 24 9.71 6.43 -0.85
N VAL A 25 9.04 5.31 -1.13
CA VAL A 25 8.91 4.26 -0.12
C VAL A 25 9.50 2.98 -0.71
N GLY A 26 10.11 2.19 0.15
CA GLY A 26 10.71 0.92 -0.26
C GLY A 26 10.22 -0.23 0.61
N TYR A 27 9.92 -1.35 -0.04
CA TYR A 27 9.34 -2.50 0.61
C TYR A 27 10.13 -3.75 0.31
N VAL A 28 10.32 -4.58 1.34
CA VAL A 28 10.67 -5.99 1.18
C VAL A 28 9.42 -6.79 1.53
N ASP A 29 8.93 -7.57 0.56
CA ASP A 29 7.63 -8.23 0.73
C ASP A 29 6.59 -7.19 1.17
N ASP A 30 5.93 -7.44 2.31
CA ASP A 30 4.87 -6.58 2.80
C ASP A 30 5.31 -5.72 3.99
N THR A 31 6.59 -5.41 4.10
CA THR A 31 7.08 -4.52 5.14
C THR A 31 7.90 -3.38 4.54
N GLN A 32 7.52 -2.15 4.87
CA GLN A 32 8.27 -0.99 4.42
C GLN A 32 9.58 -0.92 5.19
N PHE A 33 10.67 -0.65 4.49
CA PHE A 33 11.94 -0.56 5.19
C PHE A 33 12.65 0.78 5.08
N VAL A 34 12.40 1.58 4.03
CA VAL A 34 12.93 2.93 3.94
C VAL A 34 11.86 3.91 3.45
N ARG A 35 12.14 5.20 3.68
CA ARG A 35 11.34 6.27 3.13
C ARG A 35 12.26 7.46 2.84
N PHE A 36 11.85 8.25 1.86
CA PHE A 36 12.41 9.56 1.60
C PHE A 36 11.28 10.52 1.29
N ASP A 37 11.26 11.66 1.98
CA ASP A 37 10.23 12.67 1.80
C ASP A 37 10.94 14.01 1.64
N SER A 38 10.83 14.63 0.46
CA SER A 38 11.54 15.89 0.21
C SER A 38 11.02 17.06 1.04
N ASP A 39 9.86 16.92 1.71
CA ASP A 39 9.28 18.00 2.53
C ASP A 39 10.01 18.14 3.87
N ALA A 40 11.27 18.53 3.79
CA ALA A 40 12.06 18.80 4.98
C ALA A 40 13.17 19.78 4.59
N ALA A 41 13.58 20.58 5.58
CA ALA A 41 14.68 21.50 5.39
C ALA A 41 15.95 20.76 4.99
N SER A 42 16.12 19.55 5.49
CA SER A 42 17.27 18.71 5.14
C SER A 42 16.81 17.26 5.06
N PRO A 43 16.20 16.86 3.94
CA PRO A 43 15.55 15.55 3.87
C PRO A 43 16.60 14.45 3.82
N ARG A 44 16.28 13.32 4.48
CA ARG A 44 17.17 12.17 4.52
C ARG A 44 16.41 10.92 4.13
N MET A 45 17.12 9.96 3.54
CA MET A 45 16.56 8.61 3.50
C MET A 45 16.52 8.08 4.93
N GLU A 46 15.39 7.51 5.33
CA GLU A 46 15.17 7.16 6.73
C GLU A 46 14.73 5.71 6.82
N GLN A 47 15.17 5.04 7.89
CA GLN A 47 14.73 3.66 8.10
C GLN A 47 13.29 3.63 8.55
N ARG A 48 12.58 2.58 8.12
CA ARG A 48 11.21 2.34 8.54
C ARG A 48 11.01 0.92 9.06
N ALA A 49 12.08 0.14 9.22
CA ALA A 49 12.04 -1.19 9.82
C ALA A 49 13.25 -1.31 10.74
N PRO A 50 13.09 -1.86 11.95
CA PRO A 50 14.19 -1.76 12.90
C PRO A 50 15.41 -2.56 12.49
N TRP A 51 15.25 -3.62 11.70
CA TRP A 51 16.44 -4.37 11.29
C TRP A 51 17.35 -3.55 10.37
N MET A 52 16.83 -2.44 9.83
CA MET A 52 17.62 -1.52 9.04
C MET A 52 18.72 -0.83 9.84
N GLY A 53 18.72 -0.96 11.18
CA GLY A 53 19.84 -0.51 11.97
C GLY A 53 21.14 -1.23 11.68
N GLN A 54 21.09 -2.36 10.98
CA GLN A 54 22.31 -3.14 10.73
C GLN A 54 23.14 -2.63 9.56
N VAL A 55 22.67 -1.62 8.80
CA VAL A 55 23.46 -1.15 7.66
C VAL A 55 24.59 -0.26 8.18
N GLU A 56 25.64 -0.13 7.36
CA GLU A 56 26.69 0.83 7.64
C GLU A 56 26.11 2.26 7.61
N PRO A 57 26.65 3.17 8.42
CA PRO A 57 26.14 4.55 8.40
C PRO A 57 26.28 5.25 7.05
N GLU A 58 27.28 4.88 6.22
CA GLU A 58 27.39 5.50 4.90
C GLU A 58 26.16 5.25 4.05
N TYR A 59 25.48 4.12 4.27
CA TYR A 59 24.27 3.79 3.53
C TYR A 59 23.31 4.97 3.49
N TRP A 60 23.01 5.53 4.66
CA TRP A 60 22.08 6.64 4.73
C TRP A 60 22.58 7.85 3.94
N ASP A 61 23.87 8.17 4.04
CA ASP A 61 24.38 9.29 3.27
C ASP A 61 24.27 8.99 1.77
N GLN A 62 24.66 7.79 1.35
CA GLN A 62 24.64 7.47 -0.08
C GLN A 62 23.20 7.42 -0.62
N GLN A 63 22.28 6.84 0.14
CA GLN A 63 20.90 6.74 -0.33
C GLN A 63 20.23 8.12 -0.33
N THR A 64 20.53 8.94 0.69
CA THR A 64 20.03 10.31 0.68
C THR A 64 20.45 11.05 -0.59
N GLN A 65 21.72 10.91 -0.98
CA GLN A 65 22.19 11.59 -2.18
C GLN A 65 21.38 11.16 -3.40
N ILE A 66 21.11 9.86 -3.54
CA ILE A 66 20.45 9.36 -4.75
C ILE A 66 18.99 9.82 -4.77
N ALA A 67 18.33 9.78 -3.60
CA ALA A 67 16.98 10.32 -3.48
C ALA A 67 16.92 11.76 -3.97
N LYS A 68 17.83 12.62 -3.47
CA LYS A 68 17.83 14.04 -3.83
C LYS A 68 18.00 14.25 -5.32
N ASP A 69 18.97 13.55 -5.93
CA ASP A 69 19.16 13.63 -7.37
C ASP A 69 17.93 13.15 -8.14
N THR A 70 17.34 12.03 -7.72
CA THR A 70 16.13 11.54 -8.39
C THR A 70 15.00 12.56 -8.28
N ALA A 71 14.87 13.24 -7.14
CA ALA A 71 13.87 14.30 -7.02
C ALA A 71 14.10 15.39 -8.06
N GLN A 72 15.35 15.75 -8.31
CA GLN A 72 15.63 16.79 -9.31
C GLN A 72 15.23 16.33 -10.70
N THR A 73 15.56 15.09 -11.06
CA THR A 73 15.21 14.70 -12.41
C THR A 73 13.70 14.59 -12.56
N PHE A 74 12.99 14.26 -11.49
CA PHE A 74 11.53 14.21 -11.65
C PHE A 74 10.95 15.61 -11.76
N ARG A 75 11.59 16.63 -11.16
CA ARG A 75 11.10 17.98 -11.40
C ARG A 75 11.32 18.38 -12.86
N VAL A 76 12.42 17.93 -13.47
CA VAL A 76 12.58 18.13 -14.92
C VAL A 76 11.54 17.31 -15.69
N ASN A 77 11.27 16.08 -15.25
CA ASN A 77 10.33 15.22 -15.96
C ASN A 77 8.92 15.80 -15.95
N LEU A 78 8.47 16.33 -14.79
CA LEU A 78 7.19 17.00 -14.72
C LEU A 78 7.07 18.12 -15.75
N ASN A 79 8.15 18.90 -15.91
CA ASN A 79 8.14 19.98 -16.89
C ASN A 79 8.13 19.42 -18.30
N THR A 80 8.94 18.40 -18.55
CA THR A 80 8.95 17.76 -19.86
C THR A 80 7.56 17.27 -20.23
N ALA A 81 6.86 16.62 -19.29
CA ALA A 81 5.53 16.12 -19.60
C ALA A 81 4.59 17.25 -20.04
N LEU A 82 4.74 18.44 -19.43
CA LEU A 82 3.88 19.56 -19.81
C LEU A 82 4.08 19.90 -21.27
N ARG A 83 5.32 19.79 -21.74
CA ARG A 83 5.61 20.04 -23.14
C ARG A 83 5.02 18.95 -24.02
N TYR A 84 5.22 17.69 -23.64
CA TYR A 84 4.72 16.56 -24.44
C TYR A 84 3.20 16.61 -24.62
N TYR A 85 2.46 16.93 -23.57
CA TYR A 85 1.00 16.89 -23.56
C TYR A 85 0.39 18.27 -23.77
N ASN A 86 1.19 19.28 -24.09
CA ASN A 86 0.68 20.63 -24.35
C ASN A 86 -0.25 21.12 -23.25
N GLN A 87 0.16 20.92 -22.00
CA GLN A 87 -0.56 21.40 -20.83
C GLN A 87 0.05 22.69 -20.32
N SER A 88 -0.76 23.46 -19.60
CA SER A 88 -0.32 24.73 -19.04
C SER A 88 0.44 24.53 -17.74
N ALA A 89 1.13 25.58 -17.31
CA ALA A 89 1.84 25.60 -16.03
C ALA A 89 0.92 25.75 -14.82
N ALA A 90 -0.40 25.87 -15.02
CA ALA A 90 -1.27 26.31 -13.92
C ALA A 90 -1.60 25.19 -12.93
N GLY A 91 -1.77 23.95 -13.39
CA GLY A 91 -2.30 22.89 -12.54
C GLY A 91 -1.23 21.94 -12.03
N SER A 92 -1.52 21.32 -10.90
CA SER A 92 -0.66 20.28 -10.36
C SER A 92 -0.82 18.95 -11.12
N HIS A 93 0.30 18.26 -11.34
CA HIS A 93 0.35 16.96 -12.00
C HIS A 93 1.18 15.97 -11.19
N THR A 94 1.09 14.69 -11.58
CA THR A 94 1.74 13.60 -10.87
C THR A 94 2.61 12.74 -11.79
N PHE A 95 3.83 12.44 -11.36
CA PHE A 95 4.62 11.36 -11.94
C PHE A 95 4.81 10.26 -10.91
N GLN A 96 4.80 9.02 -11.38
CA GLN A 96 5.09 7.88 -10.52
C GLN A 96 5.93 6.84 -11.26
N THR A 97 6.83 6.19 -10.54
CA THR A 97 7.45 4.92 -10.95
C THR A 97 7.36 3.91 -9.83
N MET A 98 7.37 2.66 -10.26
CA MET A 98 7.57 1.51 -9.40
C MET A 98 8.46 0.52 -10.14
N PHE A 99 9.26 -0.19 -9.38
CA PHE A 99 10.20 -1.16 -9.92
C PHE A 99 10.62 -2.05 -8.77
N GLY A 100 11.07 -3.25 -9.10
CA GLY A 100 11.54 -4.17 -8.10
C GLY A 100 11.99 -5.45 -8.76
N CYS A 101 12.35 -6.42 -7.91
CA CYS A 101 12.78 -7.72 -8.37
C CYS A 101 12.13 -8.77 -7.48
N GLU A 102 11.92 -9.94 -8.06
CA GLU A 102 11.32 -11.06 -7.34
C GLU A 102 12.29 -12.24 -7.29
N VAL A 103 12.15 -13.04 -6.24
CA VAL A 103 13.14 -14.08 -5.95
C VAL A 103 12.39 -15.26 -5.34
N TRP A 104 12.77 -16.49 -5.74
CA TRP A 104 12.21 -17.67 -5.09
C TRP A 104 12.70 -17.74 -3.65
N ALA A 105 12.11 -18.67 -2.88
CA ALA A 105 12.51 -18.82 -1.48
C ALA A 105 14.01 -19.10 -1.33
N ASP A 106 14.64 -19.67 -2.35
CA ASP A 106 16.06 -19.97 -2.30
C ASP A 106 16.93 -18.82 -2.77
N GLY A 107 16.34 -17.69 -3.13
CA GLY A 107 17.08 -16.51 -3.53
C GLY A 107 17.40 -16.41 -5.00
N ARG A 108 16.83 -17.27 -5.83
CA ARG A 108 17.14 -17.20 -7.25
C ARG A 108 16.24 -16.17 -7.91
N PHE A 109 16.85 -15.30 -8.71
CA PHE A 109 16.09 -14.27 -9.42
C PHE A 109 15.14 -14.91 -10.42
N PHE A 110 13.93 -14.36 -10.53
CA PHE A 110 13.06 -14.75 -11.63
C PHE A 110 12.23 -13.64 -12.25
N HIS A 111 12.14 -12.45 -11.66
CA HIS A 111 11.34 -11.39 -12.30
C HIS A 111 11.79 -10.01 -11.84
N GLY A 112 11.97 -9.11 -12.81
CA GLY A 112 12.11 -7.70 -12.51
C GLY A 112 11.14 -6.90 -13.37
N TYR A 113 10.89 -5.66 -12.95
CA TYR A 113 9.94 -4.82 -13.69
C TYR A 113 10.25 -3.34 -13.42
N ARG A 114 9.68 -2.49 -14.29
CA ARG A 114 9.86 -1.05 -14.22
C ARG A 114 8.75 -0.39 -15.02
N GLN A 115 7.97 0.50 -14.39
CA GLN A 115 6.82 1.13 -15.01
C GLN A 115 6.73 2.60 -14.58
N TYR A 116 6.19 3.44 -15.49
CA TYR A 116 5.99 4.87 -15.24
C TYR A 116 4.54 5.26 -15.49
N ALA A 117 4.00 6.15 -14.65
CA ALA A 117 2.66 6.69 -14.84
C ALA A 117 2.68 8.21 -14.78
N TYR A 118 1.89 8.84 -15.62
CA TYR A 118 1.66 10.27 -15.57
C TYR A 118 0.18 10.52 -15.26
N ASP A 119 -0.08 11.40 -14.31
CA ASP A 119 -1.42 11.70 -13.84
C ASP A 119 -2.27 10.45 -13.66
N GLY A 120 -1.70 9.40 -13.06
CA GLY A 120 -2.47 8.23 -12.71
C GLY A 120 -2.72 7.24 -13.84
N ALA A 121 -2.18 7.48 -15.04
CA ALA A 121 -2.31 6.57 -16.17
C ALA A 121 -0.94 6.07 -16.62
N ASP A 122 -0.92 4.83 -17.12
CA ASP A 122 0.29 4.26 -17.71
C ASP A 122 0.96 5.28 -18.63
N TYR A 123 2.27 5.43 -18.46
CA TYR A 123 3.05 6.30 -19.32
C TYR A 123 3.97 5.48 -20.21
N ILE A 124 4.90 4.73 -19.63
CA ILE A 124 5.80 3.89 -20.40
C ILE A 124 6.22 2.75 -19.49
N ALA A 125 6.51 1.60 -20.08
CA ALA A 125 6.82 0.43 -19.28
C ALA A 125 7.94 -0.36 -19.93
N LEU A 126 8.85 -0.85 -19.08
CA LEU A 126 9.81 -1.86 -19.50
C LEU A 126 9.07 -3.17 -19.77
N ASN A 127 9.21 -3.68 -21.00
CA ASN A 127 8.65 -5.00 -21.33
C ASN A 127 9.34 -6.10 -20.50
N GLU A 128 8.77 -7.30 -20.55
CA GLU A 128 9.23 -8.36 -19.67
C GLU A 128 10.57 -8.93 -20.09
N ASP A 129 10.96 -8.76 -21.36
CA ASP A 129 12.32 -9.08 -21.75
C ASP A 129 13.36 -8.11 -21.17
N LEU A 130 12.92 -6.97 -20.61
CA LEU A 130 13.79 -5.98 -19.98
C LEU A 130 14.78 -5.37 -20.97
N ARG A 131 14.41 -5.32 -22.25
CA ARG A 131 15.25 -4.78 -23.31
C ARG A 131 14.52 -3.80 -24.22
N SER A 132 13.21 -3.65 -24.07
CA SER A 132 12.38 -2.84 -24.94
C SER A 132 11.28 -2.18 -24.11
N TRP A 133 10.59 -1.22 -24.73
CA TRP A 133 9.63 -0.37 -24.03
C TRP A 133 8.26 -0.43 -24.69
N THR A 134 7.22 -0.17 -23.90
CA THR A 134 5.87 0.03 -24.40
C THR A 134 5.42 1.42 -23.96
N ALA A 135 5.21 2.31 -24.93
CA ALA A 135 4.71 3.65 -24.66
C ALA A 135 3.19 3.62 -24.75
N ALA A 136 2.53 4.25 -23.77
CA ALA A 136 1.07 4.26 -23.73
C ALA A 136 0.44 5.17 -24.78
N ASP A 137 1.19 6.14 -25.31
CA ASP A 137 0.59 7.12 -26.22
C ASP A 137 1.72 7.85 -26.97
N THR A 138 1.33 8.75 -27.87
CA THR A 138 2.30 9.45 -28.70
C THR A 138 3.22 10.33 -27.85
N ALA A 139 2.68 10.94 -26.79
CA ALA A 139 3.53 11.67 -25.86
C ALA A 139 4.66 10.80 -25.36
N ALA A 140 4.32 9.62 -24.82
CA ALA A 140 5.34 8.73 -24.27
C ALA A 140 6.30 8.21 -25.32
N GLN A 141 5.89 8.20 -26.60
CA GLN A 141 6.78 7.72 -27.66
C GLN A 141 8.06 8.55 -27.72
N ASN A 142 7.97 9.86 -27.48
CA ASN A 142 9.16 10.69 -27.27
C ASN A 142 10.14 10.00 -26.33
N THR A 143 9.66 9.59 -25.16
CA THR A 143 10.52 8.94 -24.17
C THR A 143 11.01 7.58 -24.67
N GLN A 144 10.15 6.82 -25.34
CA GLN A 144 10.58 5.54 -25.89
C GLN A 144 11.74 5.72 -26.86
N ARG A 145 11.62 6.67 -27.78
CA ARG A 145 12.71 6.91 -28.74
C ARG A 145 13.99 7.31 -28.03
N LYS A 146 13.90 8.34 -27.18
CA LYS A 146 15.02 8.77 -26.35
C LYS A 146 15.72 7.59 -25.67
N TRP A 147 14.95 6.79 -24.93
CA TRP A 147 15.56 5.75 -24.11
C TRP A 147 16.08 4.58 -24.96
N GLU A 148 15.50 4.35 -26.14
CA GLU A 148 16.07 3.33 -27.02
C GLU A 148 17.40 3.80 -27.58
N ALA A 149 17.45 5.04 -28.06
CA ALA A 149 18.68 5.58 -28.62
C ALA A 149 19.81 5.58 -27.61
N ALA A 150 19.50 5.63 -26.31
CA ALA A 150 20.52 5.76 -25.27
C ALA A 150 20.75 4.47 -24.50
N GLY A 151 20.16 3.36 -24.94
CA GLY A 151 20.39 2.07 -24.30
C GLY A 151 20.02 2.02 -22.83
N GLU A 152 19.01 2.78 -22.40
CA GLU A 152 18.64 2.80 -20.99
C GLU A 152 18.13 1.45 -20.49
N ALA A 153 17.45 0.69 -21.35
CA ALA A 153 16.94 -0.62 -20.94
C ALA A 153 18.03 -1.47 -20.29
N GLU A 154 19.26 -1.42 -20.83
CA GLU A 154 20.33 -2.26 -20.31
C GLU A 154 20.73 -1.83 -18.90
N ARG A 155 20.76 -0.52 -18.61
CA ARG A 155 21.01 -0.08 -17.24
C ARG A 155 19.91 -0.53 -16.30
N HIS A 156 18.66 -0.54 -16.77
CA HIS A 156 17.56 -1.06 -15.97
C HIS A 156 17.72 -2.54 -15.72
N ARG A 157 18.07 -3.31 -16.76
CA ARG A 157 18.26 -4.73 -16.58
C ARG A 157 19.42 -5.01 -15.62
N ALA A 158 20.49 -4.23 -15.73
CA ALA A 158 21.64 -4.42 -14.85
C ALA A 158 21.22 -4.35 -13.39
N TYR A 159 20.47 -3.31 -13.02
CA TYR A 159 20.10 -3.15 -11.62
C TYR A 159 19.10 -4.22 -11.20
N LEU A 160 18.06 -4.44 -12.01
CA LEU A 160 16.99 -5.36 -11.63
C LEU A 160 17.50 -6.77 -11.47
N GLU A 161 18.46 -7.18 -12.29
CA GLU A 161 18.93 -8.55 -12.26
C GLU A 161 20.05 -8.79 -11.25
N ARG A 162 20.77 -7.75 -10.81
CA ARG A 162 21.96 -7.95 -10.00
C ARG A 162 21.88 -7.20 -8.67
N GLU A 163 21.99 -5.87 -8.65
CA GLU A 163 22.01 -5.16 -7.38
C GLU A 163 20.68 -5.26 -6.65
N CYS A 164 19.56 -5.21 -7.39
CA CYS A 164 18.26 -5.43 -6.76
C CYS A 164 18.23 -6.77 -6.04
N VAL A 165 18.68 -7.82 -6.72
CA VAL A 165 18.62 -9.16 -6.12
C VAL A 165 19.59 -9.27 -4.95
N GLU A 166 20.81 -8.74 -5.11
CA GLU A 166 21.78 -8.86 -4.03
C GLU A 166 21.28 -8.17 -2.78
N TRP A 167 20.83 -6.92 -2.93
CA TRP A 167 20.33 -6.19 -1.77
C TRP A 167 19.11 -6.88 -1.15
N LEU A 168 18.18 -7.36 -1.98
CA LEU A 168 17.03 -8.11 -1.45
C LEU A 168 17.47 -9.27 -0.57
N ARG A 169 18.41 -10.09 -1.05
CA ARG A 169 18.94 -11.18 -0.24
C ARG A 169 19.60 -10.66 1.05
N ARG A 170 20.33 -9.55 0.97
CA ARG A 170 20.96 -9.02 2.18
C ARG A 170 19.92 -8.54 3.20
N TYR A 171 18.83 -7.91 2.74
CA TYR A 171 17.80 -7.45 3.68
C TYR A 171 17.05 -8.62 4.28
N LEU A 172 16.73 -9.63 3.46
CA LEU A 172 16.08 -10.84 3.98
C LEU A 172 16.90 -11.47 5.09
N GLU A 173 18.22 -11.58 4.91
CA GLU A 173 19.07 -12.06 5.99
C GLU A 173 19.06 -11.10 7.17
N MET A 174 19.21 -9.79 6.88
CA MET A 174 19.21 -8.79 7.94
C MET A 174 17.96 -8.89 8.81
N GLY A 175 16.80 -9.15 8.19
CA GLY A 175 15.56 -9.15 8.93
C GLY A 175 14.91 -10.52 9.07
N LYS A 176 15.73 -11.58 9.03
CA LYS A 176 15.21 -12.95 9.05
C LYS A 176 14.23 -13.16 10.20
N GLU A 177 14.53 -12.62 11.38
CA GLU A 177 13.72 -12.89 12.56
C GLU A 177 12.28 -12.39 12.45
N THR A 178 12.01 -11.42 11.58
CA THR A 178 10.65 -10.96 11.32
C THR A 178 10.24 -11.20 9.87
N LEU A 179 11.09 -10.86 8.91
CA LEU A 179 10.72 -11.00 7.50
C LEU A 179 10.34 -12.43 7.15
N GLN A 180 10.93 -13.43 7.83
CA GLN A 180 10.74 -14.81 7.41
C GLN A 180 9.95 -15.66 8.40
N ARG A 181 9.48 -15.09 9.51
CA ARG A 181 8.53 -15.77 10.41
C ARG A 181 7.13 -15.28 10.05
N ALA A 182 6.29 -16.19 9.55
CA ALA A 182 4.92 -15.83 9.21
C ALA A 182 4.06 -15.87 10.46
N ASP A 183 3.43 -14.76 10.80
CA ASP A 183 2.49 -14.71 11.91
C ASP A 183 1.14 -15.24 11.43
N PRO A 184 0.63 -16.34 11.97
CA PRO A 184 -0.67 -16.85 11.51
C PRO A 184 -1.80 -15.94 11.96
N PRO A 185 -2.93 -15.96 11.23
CA PRO A 185 -4.07 -15.14 11.65
C PRO A 185 -4.70 -15.70 12.92
N LYS A 186 -5.13 -14.78 13.80
CA LYS A 186 -5.98 -15.13 14.93
C LYS A 186 -7.41 -14.90 14.48
N ALA A 187 -8.16 -15.99 14.35
CA ALA A 187 -9.48 -15.96 13.72
C ALA A 187 -10.58 -16.30 14.71
N HIS A 188 -11.80 -15.91 14.34
CA HIS A 188 -13.00 -16.10 15.16
C HIS A 188 -14.18 -15.57 14.34
N VAL A 189 -15.38 -16.04 14.68
CA VAL A 189 -16.57 -15.58 13.97
C VAL A 189 -17.48 -14.90 14.99
N THR A 190 -18.32 -13.99 14.50
CA THR A 190 -19.22 -13.23 15.34
C THR A 190 -20.62 -13.28 14.76
N HIS A 191 -21.60 -13.01 15.63
CA HIS A 191 -23.01 -13.20 15.33
C HIS A 191 -23.75 -11.89 15.53
N HIS A 192 -24.45 -11.43 14.48
CA HIS A 192 -25.23 -10.19 14.53
C HIS A 192 -26.52 -10.38 13.73
N PRO A 193 -27.68 -10.24 14.36
CA PRO A 193 -28.93 -10.43 13.61
C PRO A 193 -29.05 -9.46 12.44
N ALA A 194 -29.73 -9.91 11.39
CA ALA A 194 -30.13 -9.05 10.28
C ALA A 194 -31.64 -8.81 10.36
N SER A 195 -32.46 -9.80 10.02
CA SER A 195 -33.89 -9.79 10.31
C SER A 195 -34.15 -10.40 11.68
N ASP A 196 -35.43 -10.53 12.05
CA ASP A 196 -35.77 -11.52 13.05
C ASP A 196 -35.72 -12.93 12.47
N ARG A 197 -35.68 -13.05 11.15
CA ARG A 197 -35.54 -14.31 10.43
C ARG A 197 -34.10 -14.64 10.06
N GLU A 198 -33.26 -13.63 9.83
CA GLU A 198 -31.92 -13.81 9.28
C GLU A 198 -30.86 -13.24 10.21
N ALA A 199 -29.64 -13.78 10.09
CA ALA A 199 -28.49 -13.31 10.85
C ALA A 199 -27.25 -13.35 9.97
N THR A 200 -26.29 -12.47 10.27
CA THR A 200 -25.03 -12.36 9.55
C THR A 200 -23.90 -12.97 10.38
N LEU A 201 -23.13 -13.86 9.77
CA LEU A 201 -21.94 -14.43 10.39
C LEU A 201 -20.71 -13.80 9.75
N ARG A 202 -19.83 -13.24 10.57
CA ARG A 202 -18.63 -12.57 10.09
C ARG A 202 -17.43 -13.36 10.57
N CYS A 203 -16.54 -13.72 9.64
CA CYS A 203 -15.33 -14.45 9.97
C CYS A 203 -14.14 -13.50 9.96
N TRP A 204 -13.53 -13.31 11.13
CA TRP A 204 -12.44 -12.37 11.33
C TRP A 204 -11.09 -13.09 11.26
N ALA A 205 -10.13 -12.47 10.59
CA ALA A 205 -8.74 -12.90 10.62
C ALA A 205 -7.88 -11.68 10.93
N LEU A 206 -7.22 -11.69 12.08
CA LEU A 206 -6.50 -10.53 12.58
C LEU A 206 -5.03 -10.87 12.80
N GLY A 207 -4.17 -9.85 12.69
CA GLY A 207 -2.79 -9.94 13.14
C GLY A 207 -1.87 -10.85 12.35
N PHE A 208 -2.16 -11.09 11.07
CA PHE A 208 -1.38 -12.02 10.28
C PHE A 208 -0.39 -11.29 9.37
N TYR A 209 0.67 -12.01 8.99
CA TYR A 209 1.74 -11.58 8.12
C TYR A 209 2.30 -12.82 7.43
N PRO A 210 2.56 -12.77 6.11
CA PRO A 210 2.31 -11.65 5.19
C PRO A 210 0.84 -11.47 4.84
N ALA A 211 0.59 -10.65 3.81
CA ALA A 211 -0.75 -10.13 3.58
C ALA A 211 -1.64 -11.09 2.81
N GLU A 212 -1.07 -12.02 2.04
CA GLU A 212 -1.90 -12.92 1.23
C GLU A 212 -2.61 -13.91 2.15
N ILE A 213 -3.91 -14.09 1.90
CA ILE A 213 -4.75 -14.91 2.78
C ILE A 213 -5.97 -15.35 1.97
N SER A 214 -6.60 -16.43 2.43
CA SER A 214 -7.79 -16.99 1.80
C SER A 214 -8.87 -17.11 2.87
N LEU A 215 -9.96 -16.36 2.70
CA LEU A 215 -11.05 -16.31 3.67
C LEU A 215 -12.34 -16.69 2.94
N THR A 216 -12.89 -17.87 3.25
CA THR A 216 -14.06 -18.35 2.54
C THR A 216 -15.08 -18.95 3.50
N TRP A 217 -16.36 -18.73 3.19
CA TRP A 217 -17.48 -19.34 3.87
C TRP A 217 -17.99 -20.50 3.04
N GLN A 218 -18.14 -21.67 3.66
CA GLN A 218 -18.78 -22.82 3.03
C GLN A 218 -20.09 -23.14 3.75
N ARG A 219 -21.10 -23.50 2.97
CA ARG A 219 -22.35 -24.06 3.49
C ARG A 219 -22.41 -25.53 3.08
N ASP A 220 -22.48 -26.42 4.06
CA ASP A 220 -22.48 -27.86 3.80
C ASP A 220 -21.23 -28.28 3.03
N GLY A 221 -20.12 -27.59 3.28
CA GLY A 221 -18.82 -27.99 2.78
C GLY A 221 -18.45 -27.48 1.40
N GLU A 222 -19.33 -26.73 0.73
CA GLU A 222 -19.07 -26.25 -0.62
C GLU A 222 -19.16 -24.72 -0.66
N ASP A 223 -18.26 -24.12 -1.44
CA ASP A 223 -17.98 -22.69 -1.32
C ASP A 223 -19.18 -21.84 -1.69
N GLN A 224 -19.32 -20.71 -1.00
CA GLN A 224 -20.50 -19.86 -1.04
C GLN A 224 -20.18 -18.42 -1.45
N THR A 225 -19.40 -18.23 -2.53
CA THR A 225 -18.81 -16.91 -2.73
C THR A 225 -19.71 -15.91 -3.47
N GLN A 226 -20.89 -16.32 -3.94
CA GLN A 226 -21.86 -15.37 -4.48
C GLN A 226 -22.78 -14.82 -3.40
N ASP A 227 -22.55 -15.16 -2.13
CA ASP A 227 -23.31 -14.60 -1.01
C ASP A 227 -22.42 -14.09 0.11
N THR A 228 -21.11 -14.05 -0.10
CA THR A 228 -20.17 -13.56 0.90
C THR A 228 -19.75 -12.13 0.61
N GLU A 229 -19.90 -11.26 1.60
CA GLU A 229 -19.27 -9.95 1.61
C GLU A 229 -17.86 -10.08 2.17
N LEU A 230 -16.89 -9.51 1.47
CA LEU A 230 -15.47 -9.75 1.76
C LEU A 230 -14.74 -8.41 1.65
N VAL A 231 -14.38 -7.82 2.80
CA VAL A 231 -13.65 -6.55 2.75
C VAL A 231 -12.22 -6.80 2.26
N GLU A 232 -11.63 -5.77 1.66
CA GLU A 232 -10.24 -5.76 1.24
C GLU A 232 -9.31 -5.89 2.43
N THR A 233 -8.19 -6.59 2.23
CA THR A 233 -7.18 -6.72 3.28
C THR A 233 -6.64 -5.35 3.65
N ARG A 234 -6.57 -5.10 4.96
CA ARG A 234 -6.28 -3.79 5.51
C ARG A 234 -5.21 -3.92 6.58
N PRO A 235 -4.35 -2.91 6.73
CA PRO A 235 -3.25 -3.03 7.69
C PRO A 235 -3.72 -2.80 9.12
N GLY A 236 -3.08 -3.54 10.04
CA GLY A 236 -3.37 -3.31 11.45
C GLY A 236 -2.71 -2.08 12.02
N GLY A 237 -1.66 -1.59 11.36
CA GLY A 237 -0.87 -0.49 11.86
C GLY A 237 0.39 -0.90 12.57
N ASP A 238 0.51 -2.17 12.97
CA ASP A 238 1.71 -2.72 13.59
C ASP A 238 2.51 -3.59 12.64
N GLY A 239 2.21 -3.55 11.35
CA GLY A 239 2.85 -4.44 10.42
C GLY A 239 2.09 -5.72 10.14
N THR A 240 0.99 -5.97 10.83
CA THR A 240 0.13 -7.10 10.50
C THR A 240 -1.05 -6.65 9.62
N PHE A 241 -1.81 -7.63 9.15
CA PHE A 241 -2.93 -7.40 8.25
C PHE A 241 -4.20 -8.04 8.80
N GLN A 242 -5.34 -7.58 8.28
CA GLN A 242 -6.68 -7.92 8.75
C GLN A 242 -7.57 -8.16 7.56
N LYS A 243 -8.57 -9.02 7.75
CA LYS A 243 -9.59 -9.27 6.75
C LYS A 243 -10.81 -9.84 7.44
N TRP A 244 -12.00 -9.64 6.86
CA TRP A 244 -13.15 -10.40 7.32
C TRP A 244 -14.08 -10.74 6.16
N ALA A 245 -14.78 -11.86 6.32
CA ALA A 245 -15.75 -12.37 5.34
C ALA A 245 -17.06 -12.63 6.06
N ALA A 246 -18.15 -12.16 5.48
CA ALA A 246 -19.44 -12.27 6.13
C ALA A 246 -20.45 -12.91 5.17
N VAL A 247 -21.47 -13.52 5.76
CA VAL A 247 -22.54 -14.16 5.00
C VAL A 247 -23.82 -14.06 5.83
N VAL A 248 -24.94 -13.85 5.13
CA VAL A 248 -26.25 -13.81 5.78
C VAL A 248 -26.90 -15.18 5.65
N VAL A 249 -27.45 -15.67 6.75
CA VAL A 249 -27.99 -17.02 6.85
C VAL A 249 -29.38 -16.99 7.46
N PRO A 250 -30.25 -17.96 7.16
CA PRO A 250 -31.53 -18.04 7.87
C PRO A 250 -31.32 -18.49 9.31
N SER A 251 -32.23 -18.06 10.18
CA SER A 251 -32.14 -18.43 11.60
C SER A 251 -32.17 -19.95 11.75
N GLY A 252 -31.44 -20.43 12.76
CA GLY A 252 -31.29 -21.85 12.99
C GLY A 252 -30.25 -22.55 12.15
N GLU A 253 -29.90 -21.99 10.98
CA GLU A 253 -29.08 -22.67 9.99
C GLU A 253 -27.57 -22.54 10.25
N GLU A 254 -27.16 -21.99 11.39
CA GLU A 254 -25.77 -21.61 11.61
C GLU A 254 -24.80 -22.78 11.46
N GLN A 255 -25.20 -23.98 11.89
CA GLN A 255 -24.23 -25.07 11.85
C GLN A 255 -23.96 -25.57 10.44
N ARG A 256 -24.77 -25.15 9.46
CA ARG A 256 -24.49 -25.45 8.07
C ARG A 256 -23.21 -24.76 7.59
N TYR A 257 -22.90 -23.59 8.16
CA TYR A 257 -21.89 -22.71 7.60
C TYR A 257 -20.55 -22.84 8.31
N THR A 258 -19.50 -22.90 7.52
CA THR A 258 -18.16 -23.01 8.07
C THR A 258 -17.25 -21.98 7.41
N CYS A 259 -16.23 -21.54 8.13
CA CYS A 259 -15.27 -20.54 7.63
C CYS A 259 -13.90 -21.17 7.47
N ARG A 260 -13.35 -21.10 6.26
CA ARG A 260 -12.07 -21.73 5.94
C ARG A 260 -11.00 -20.63 5.85
N VAL A 261 -9.97 -20.73 6.68
CA VAL A 261 -8.92 -19.73 6.77
C VAL A 261 -7.61 -20.39 6.33
N GLN A 262 -7.13 -20.01 5.15
CA GLN A 262 -5.84 -20.49 4.63
C GLN A 262 -4.83 -19.34 4.66
N HIS A 263 -3.67 -19.59 5.26
CA HIS A 263 -2.58 -18.61 5.32
C HIS A 263 -1.26 -19.32 5.56
N GLU A 264 -0.19 -18.72 5.04
CA GLU A 264 1.11 -19.38 5.01
C GLU A 264 1.67 -19.65 6.41
N GLY A 265 1.23 -18.90 7.42
CA GLY A 265 1.66 -19.22 8.77
C GLY A 265 0.85 -20.28 9.49
N LEU A 266 -0.07 -20.95 8.79
CA LEU A 266 -0.94 -21.97 9.38
C LEU A 266 -0.47 -23.33 8.92
N PRO A 267 0.03 -24.19 9.83
CA PRO A 267 0.40 -25.55 9.43
C PRO A 267 -0.65 -26.20 8.54
N GLU A 268 -1.92 -26.13 8.94
CA GLU A 268 -3.01 -26.57 8.09
C GLU A 268 -4.17 -25.57 8.14
N PRO A 269 -5.02 -25.55 7.11
CA PRO A 269 -6.13 -24.59 7.09
C PRO A 269 -7.02 -24.70 8.32
N LEU A 270 -7.41 -23.55 8.85
CA LEU A 270 -8.35 -23.48 9.97
C LEU A 270 -9.77 -23.62 9.47
N THR A 271 -10.59 -24.31 10.26
CA THR A 271 -12.03 -24.37 10.04
C THR A 271 -12.73 -23.93 11.33
N LEU A 272 -13.62 -22.95 11.22
CA LEU A 272 -14.31 -22.39 12.37
C LEU A 272 -15.80 -22.31 12.07
N THR A 273 -16.59 -22.31 13.15
CA THR A 273 -18.05 -22.17 13.10
C THR A 273 -18.46 -21.22 14.22
N TRP A 274 -19.72 -20.82 14.23
CA TRP A 274 -20.23 -20.00 15.34
C TRP A 274 -20.01 -20.71 16.66
N MET B 1 -6.03 13.36 -17.45
CA MET B 1 -5.87 12.96 -16.05
C MET B 1 -6.92 11.91 -15.64
N ILE B 2 -6.50 10.95 -14.81
CA ILE B 2 -7.39 9.99 -14.16
C ILE B 2 -7.65 10.48 -12.74
N GLN B 3 -8.88 10.34 -12.28
CA GLN B 3 -9.22 10.67 -10.90
C GLN B 3 -10.04 9.52 -10.34
N ARG B 4 -9.62 9.00 -9.19
CA ARG B 4 -10.27 7.87 -8.56
C ARG B 4 -10.68 8.26 -7.16
N THR B 5 -11.91 7.92 -6.79
CA THR B 5 -12.44 8.32 -5.49
C THR B 5 -11.94 7.36 -4.40
N PRO B 6 -11.61 7.88 -3.21
CA PRO B 6 -11.04 7.03 -2.17
C PRO B 6 -12.03 6.02 -1.60
N LYS B 7 -11.53 4.82 -1.31
CA LYS B 7 -12.21 3.87 -0.43
C LYS B 7 -11.77 4.10 1.01
N ILE B 8 -12.67 3.80 1.94
CA ILE B 8 -12.54 4.17 3.33
C ILE B 8 -12.99 3.01 4.18
N GLN B 9 -12.11 2.53 5.05
CA GLN B 9 -12.46 1.54 6.08
C GLN B 9 -12.02 2.10 7.42
N VAL B 10 -12.92 2.10 8.39
CA VAL B 10 -12.65 2.55 9.75
C VAL B 10 -12.75 1.34 10.66
N TYR B 11 -11.75 1.14 11.53
CA TYR B 11 -11.69 -0.06 12.34
C TYR B 11 -10.62 0.13 13.41
N SER B 12 -10.64 -0.77 14.39
CA SER B 12 -9.62 -0.79 15.44
C SER B 12 -8.59 -1.86 15.14
N ARG B 13 -7.38 -1.66 15.68
CA ARG B 13 -6.31 -2.64 15.50
C ARG B 13 -6.71 -3.98 16.08
N HIS B 14 -7.16 -3.98 17.34
CA HIS B 14 -7.63 -5.16 18.03
C HIS B 14 -9.13 -5.08 18.24
N PRO B 15 -9.81 -6.20 18.52
CA PRO B 15 -11.27 -6.12 18.75
C PRO B 15 -11.57 -5.23 19.93
N ALA B 16 -12.55 -4.36 19.76
CA ALA B 16 -12.86 -3.37 20.78
C ALA B 16 -13.24 -4.05 22.10
N GLU B 17 -12.68 -3.53 23.19
CA GLU B 17 -13.12 -3.84 24.54
C GLU B 17 -13.14 -2.53 25.32
N ASN B 18 -14.32 -2.17 25.82
CA ASN B 18 -14.50 -0.90 26.53
C ASN B 18 -13.52 -0.77 27.68
N GLY B 19 -12.78 0.35 27.72
CA GLY B 19 -11.83 0.60 28.78
C GLY B 19 -10.43 0.06 28.54
N LYS B 20 -10.21 -0.68 27.44
CA LYS B 20 -8.87 -1.15 27.09
C LYS B 20 -8.33 -0.33 25.92
N SER B 21 -7.10 0.18 26.07
CA SER B 21 -6.48 1.00 25.04
C SER B 21 -6.30 0.20 23.74
N ASN B 22 -6.28 0.93 22.63
CA ASN B 22 -6.37 0.35 21.29
C ASN B 22 -5.89 1.41 20.29
N PHE B 23 -5.96 1.08 19.01
CA PHE B 23 -5.61 1.99 17.93
C PHE B 23 -6.80 2.12 17.00
N LEU B 24 -7.21 3.36 16.74
CA LEU B 24 -8.29 3.64 15.81
C LEU B 24 -7.69 3.87 14.42
N ASN B 25 -8.09 3.06 13.45
CA ASN B 25 -7.52 3.08 12.12
C ASN B 25 -8.52 3.61 11.11
N CYS B 26 -8.07 4.48 10.21
CA CYS B 26 -8.83 4.87 9.03
C CYS B 26 -7.93 4.68 7.82
N TYR B 27 -8.31 3.78 6.94
CA TYR B 27 -7.47 3.34 5.84
C TYR B 27 -8.11 3.81 4.54
N VAL B 28 -7.47 4.77 3.87
CA VAL B 28 -7.96 5.29 2.60
C VAL B 28 -7.10 4.72 1.48
N SER B 29 -7.74 4.26 0.43
CA SER B 29 -7.02 3.60 -0.65
C SER B 29 -7.73 3.87 -1.97
N GLY B 30 -7.07 3.48 -3.06
CA GLY B 30 -7.64 3.56 -4.39
C GLY B 30 -7.88 4.94 -4.93
N PHE B 31 -7.26 5.98 -4.37
CA PHE B 31 -7.57 7.33 -4.82
C PHE B 31 -6.46 7.89 -5.71
N HIS B 32 -6.83 8.94 -6.43
CA HIS B 32 -5.95 9.68 -7.33
C HIS B 32 -6.65 10.98 -7.68
N PRO B 33 -5.95 12.13 -7.64
CA PRO B 33 -4.54 12.29 -7.22
C PRO B 33 -4.34 12.15 -5.69
N SER B 34 -3.14 12.51 -5.21
CA SER B 34 -2.72 12.12 -3.87
C SER B 34 -3.12 13.12 -2.78
N ASP B 35 -3.39 14.38 -3.12
CA ASP B 35 -3.87 15.32 -2.12
C ASP B 35 -5.16 14.81 -1.51
N ILE B 36 -5.16 14.67 -0.18
CA ILE B 36 -6.32 14.16 0.54
C ILE B 36 -6.25 14.69 1.96
N GLU B 37 -7.41 14.89 2.58
CA GLU B 37 -7.49 15.38 3.95
C GLU B 37 -8.28 14.36 4.77
N VAL B 38 -7.66 13.85 5.83
CA VAL B 38 -8.25 12.82 6.67
C VAL B 38 -8.25 13.31 8.11
N ASP B 39 -9.42 13.37 8.72
CA ASP B 39 -9.57 13.65 10.14
C ASP B 39 -10.19 12.45 10.83
N LEU B 40 -9.72 12.18 12.05
CA LEU B 40 -10.40 11.25 12.94
C LEU B 40 -11.17 12.06 13.98
N LEU B 41 -12.42 11.66 14.22
CA LEU B 41 -13.35 12.41 15.07
C LEU B 41 -13.72 11.60 16.30
N LYS B 42 -13.80 12.28 17.44
CA LYS B 42 -14.35 11.74 18.68
C LYS B 42 -15.61 12.53 18.98
N ASN B 43 -16.77 11.87 18.84
CA ASN B 43 -18.07 12.52 19.04
C ASN B 43 -18.21 13.78 18.19
N GLY B 44 -17.81 13.67 16.92
CA GLY B 44 -17.94 14.76 15.99
C GLY B 44 -16.81 15.78 16.00
N GLU B 45 -15.84 15.65 16.90
CA GLU B 45 -14.81 16.66 17.10
C GLU B 45 -13.44 16.11 16.69
N ARG B 46 -12.66 16.95 16.00
CA ARG B 46 -11.36 16.53 15.49
C ARG B 46 -10.43 16.08 16.62
N ILE B 47 -9.76 14.94 16.42
CA ILE B 47 -8.78 14.44 17.36
C ILE B 47 -7.42 15.02 16.98
N GLU B 48 -6.72 15.61 17.95
CA GLU B 48 -5.54 16.40 17.61
C GLU B 48 -4.37 15.51 17.23
N LYS B 49 -4.06 14.51 18.05
CA LYS B 49 -2.96 13.61 17.76
C LYS B 49 -3.44 12.57 16.76
N VAL B 50 -3.04 12.73 15.49
CA VAL B 50 -3.29 11.75 14.44
C VAL B 50 -2.00 11.63 13.63
N GLU B 51 -1.64 10.41 13.29
CA GLU B 51 -0.49 10.17 12.44
C GLU B 51 -0.92 9.36 11.21
N HIS B 52 0.02 9.15 10.29
CA HIS B 52 -0.31 8.41 9.09
C HIS B 52 0.94 7.75 8.52
N SER B 53 0.71 6.71 7.72
CA SER B 53 1.79 6.01 7.04
C SER B 53 2.34 6.86 5.90
N ASP B 54 3.49 6.44 5.38
CA ASP B 54 4.07 7.13 4.24
C ASP B 54 3.27 6.83 2.97
N LEU B 55 3.17 7.82 2.10
CA LEU B 55 2.34 7.69 0.93
C LEU B 55 2.89 6.61 0.01
N SER B 56 2.02 5.66 -0.33
CA SER B 56 2.39 4.54 -1.18
C SER B 56 1.28 4.37 -2.21
N PHE B 57 1.46 3.42 -3.12
CA PHE B 57 0.44 3.16 -4.11
C PHE B 57 0.52 1.72 -4.63
N SER B 58 -0.57 1.30 -5.28
CA SER B 58 -0.82 -0.07 -5.70
C SER B 58 -0.45 -0.27 -7.17
N LYS B 59 -0.70 -1.50 -7.66
CA LYS B 59 -0.37 -1.88 -9.04
C LYS B 59 -1.11 -1.05 -10.08
N ASP B 60 -2.31 -0.56 -9.78
CA ASP B 60 -3.00 0.28 -10.75
C ASP B 60 -2.66 1.77 -10.59
N TRP B 61 -1.68 2.11 -9.75
CA TRP B 61 -1.11 3.44 -9.51
C TRP B 61 -1.84 4.23 -8.42
N SER B 62 -3.00 3.77 -7.97
CA SER B 62 -3.77 4.54 -7.01
C SER B 62 -3.13 4.49 -5.62
N PHE B 63 -3.31 5.57 -4.86
CA PHE B 63 -2.61 5.72 -3.58
C PHE B 63 -3.42 5.13 -2.42
N TYR B 64 -2.70 4.79 -1.35
CA TYR B 64 -3.32 4.47 -0.09
C TYR B 64 -2.48 5.01 1.07
N LEU B 65 -3.17 5.25 2.19
CA LEU B 65 -2.60 5.76 3.43
C LEU B 65 -3.36 5.17 4.59
N LEU B 66 -2.67 4.96 5.71
CA LEU B 66 -3.30 4.59 6.97
C LEU B 66 -3.18 5.76 7.94
N TYR B 67 -4.30 6.26 8.45
CA TYR B 67 -4.30 7.24 9.52
C TYR B 67 -4.75 6.55 10.81
N TYR B 68 -4.16 6.95 11.94
CA TYR B 68 -4.36 6.19 13.16
C TYR B 68 -4.07 7.04 14.40
N THR B 69 -4.62 6.61 15.53
CA THR B 69 -4.40 7.28 16.81
C THR B 69 -4.70 6.28 17.92
N GLU B 70 -4.01 6.44 19.05
CA GLU B 70 -4.34 5.64 20.23
C GLU B 70 -5.64 6.15 20.83
N PHE B 71 -6.49 5.21 21.24
CA PHE B 71 -7.75 5.57 21.87
C PHE B 71 -8.20 4.44 22.78
N THR B 72 -9.05 4.80 23.74
CA THR B 72 -9.66 3.81 24.62
C THR B 72 -11.16 3.82 24.38
N PRO B 73 -11.72 2.83 23.71
CA PRO B 73 -13.16 2.82 23.47
C PRO B 73 -13.95 2.75 24.77
N THR B 74 -15.13 3.34 24.74
CA THR B 74 -16.16 3.23 25.76
C THR B 74 -17.45 2.86 25.06
N GLU B 75 -18.54 2.81 25.84
CA GLU B 75 -19.81 2.41 25.26
C GLU B 75 -20.50 3.60 24.59
N LYS B 76 -20.34 4.81 25.16
CA LYS B 76 -21.02 5.98 24.63
C LYS B 76 -20.21 6.75 23.60
N ASP B 77 -18.88 6.68 23.65
CA ASP B 77 -18.06 7.49 22.77
C ASP B 77 -18.15 6.96 21.34
N GLU B 78 -18.53 7.83 20.41
CA GLU B 78 -18.61 7.53 18.99
C GLU B 78 -17.42 8.09 18.24
N TYR B 79 -16.85 7.28 17.34
CA TYR B 79 -15.69 7.68 16.57
C TYR B 79 -15.98 7.59 15.08
N ALA B 80 -15.25 8.38 14.30
CA ALA B 80 -15.53 8.48 12.87
C ALA B 80 -14.27 8.92 12.14
N CYS B 81 -14.29 8.71 10.82
CA CYS B 81 -13.24 9.18 9.92
C CYS B 81 -13.84 10.13 8.90
N ARG B 82 -13.22 11.29 8.73
CA ARG B 82 -13.73 12.29 7.80
C ARG B 82 -12.69 12.53 6.70
N VAL B 83 -13.10 12.32 5.46
CA VAL B 83 -12.20 12.33 4.32
C VAL B 83 -12.68 13.38 3.32
N ASN B 84 -11.75 14.18 2.83
CA ASN B 84 -12.02 15.12 1.75
C ASN B 84 -11.02 14.92 0.61
N HIS B 85 -11.51 15.05 -0.62
CA HIS B 85 -10.77 14.73 -1.83
C HIS B 85 -11.45 15.42 -3.00
N VAL B 86 -10.65 15.74 -4.03
CA VAL B 86 -11.19 16.46 -5.19
C VAL B 86 -12.37 15.71 -5.81
N THR B 87 -12.36 14.37 -5.78
CA THR B 87 -13.48 13.61 -6.34
C THR B 87 -14.75 13.71 -5.52
N LEU B 88 -14.74 14.35 -4.35
CA LEU B 88 -15.90 14.38 -3.47
C LEU B 88 -16.51 15.77 -3.43
N SER B 89 -17.84 15.85 -3.50
CA SER B 89 -18.51 17.16 -3.47
C SER B 89 -18.54 17.77 -2.08
N GLN B 90 -18.41 16.94 -1.04
CA GLN B 90 -18.35 17.35 0.35
C GLN B 90 -17.59 16.27 1.12
N PRO B 91 -17.10 16.59 2.31
CA PRO B 91 -16.38 15.57 3.09
C PRO B 91 -17.26 14.34 3.33
N LYS B 92 -16.66 13.17 3.12
CA LYS B 92 -17.33 11.91 3.40
C LYS B 92 -16.96 11.45 4.79
N ILE B 93 -17.97 11.13 5.60
CA ILE B 93 -17.81 10.74 7.00
C ILE B 93 -18.23 9.29 7.14
N VAL B 94 -17.30 8.43 7.52
CA VAL B 94 -17.55 7.01 7.75
C VAL B 94 -17.44 6.77 9.25
N LYS B 95 -18.52 6.27 9.86
CA LYS B 95 -18.51 6.07 11.31
C LYS B 95 -17.86 4.75 11.67
N TRP B 96 -17.22 4.73 12.84
CA TRP B 96 -16.63 3.49 13.34
C TRP B 96 -17.71 2.56 13.91
N ASP B 97 -17.65 1.31 13.50
CA ASP B 97 -18.57 0.26 13.97
C ASP B 97 -17.70 -0.89 14.45
N ARG B 98 -17.70 -1.14 15.76
CA ARG B 98 -16.80 -2.17 16.29
C ARG B 98 -17.13 -3.57 15.78
N ASP B 99 -18.27 -3.78 15.12
CA ASP B 99 -18.64 -5.07 14.58
C ASP B 99 -18.12 -5.32 13.16
N MET B 100 -17.36 -4.38 12.59
CA MET B 100 -16.69 -4.59 11.31
C MET B 100 -15.42 -3.73 11.21
N ALA C 1 18.64 -1.37 -1.79
CA ALA C 1 19.20 -0.04 -2.05
C ALA C 1 19.01 0.41 -3.49
N LEU C 2 18.93 1.71 -3.68
CA LEU C 2 19.07 2.29 -5.00
C LEU C 2 20.55 2.42 -5.38
N MET C 3 20.81 2.42 -6.68
CA MET C 3 22.09 2.74 -7.33
C MET C 3 21.99 4.09 -8.03
N PRO C 4 23.10 4.80 -8.20
CA PRO C 4 23.07 6.05 -8.97
C PRO C 4 22.56 5.81 -10.38
N GLY C 5 22.19 6.91 -11.02
CA GLY C 5 21.70 6.78 -12.39
C GLY C 5 20.31 7.38 -12.50
N GLN C 6 20.15 8.25 -13.49
CA GLN C 6 18.94 9.04 -13.65
C GLN C 6 18.39 8.86 -15.06
N PHE C 7 17.07 8.96 -15.19
CA PHE C 7 16.39 8.72 -16.47
C PHE C 7 15.41 9.87 -16.72
N PHE C 8 15.76 10.76 -17.65
CA PHE C 8 14.91 11.87 -18.01
C PHE C 8 13.97 11.43 -19.12
N VAL C 9 12.67 11.65 -18.93
CA VAL C 9 11.69 11.25 -19.94
C VAL C 9 11.80 12.15 -21.17
#